data_9IPP
#
_entry.id   9IPP
#
_cell.length_a   79.811
_cell.length_b   95.066
_cell.length_c   97.441
_cell.angle_alpha   90.000
_cell.angle_beta   90.000
_cell.angle_gamma   90.000
#
_symmetry.space_group_name_H-M   'P 21 21 21'
#
loop_
_entity.id
_entity.type
_entity.pdbx_description
1 polymer '3C-like proteinase'
2 non-polymer 'hexylcarbamic acid'
3 water water
#
_entity_poly.entity_id   1
_entity_poly.type   'polypeptide(L)'
_entity_poly.pdbx_seq_one_letter_code
;GLVKMSHPSGDVEACMVQVTCGSMTLNGLWLDNTVWCPRHVMCPADQLSDPNYDALLISMTNHSFSVQKHIGAPANLRVV
GHAMQGTLLKLTVDVANPSTPAYTFTTVKPGAAFSVLACYNGRPTGTFTVVMRPNYTIKGSFLCGSCGSVGYTKEGSVIN
FCYMHQMELANGTHTGSAFDGTMYGAFMDKQVHQVQLTDKYCSVNVVAWLYAAILNGCAWFVKPNRTSVVSFNEWALANQ
FTEFVGTQSVDMLAVKTGVAIEQLLYAIQQLYTGFQGKQILGSTMLEDEFTPEDVNMQIM
;
_entity_poly.pdbx_strand_id   A,B
#
loop_
_chem_comp.id
_chem_comp.type
_chem_comp.name
_chem_comp.formula
JRY non-polymer 'hexylcarbamic acid' 'C7 H15 N O2'
#
# COMPACT_ATOMS: atom_id res chain seq x y z
N GLY A 1 9.29 -10.60 -5.20
CA GLY A 1 8.15 -10.21 -6.01
C GLY A 1 7.91 -8.70 -5.98
N LEU A 2 6.92 -8.27 -6.79
CA LEU A 2 6.59 -6.87 -7.01
C LEU A 2 5.39 -6.49 -6.16
N VAL A 3 5.62 -5.68 -5.13
CA VAL A 3 4.58 -5.28 -4.21
C VAL A 3 4.38 -3.77 -4.34
N LYS A 4 3.13 -3.31 -4.20
CA LYS A 4 2.84 -1.88 -4.21
C LYS A 4 3.29 -1.28 -2.89
N MET A 5 4.41 -0.57 -2.91
CA MET A 5 5.05 -0.07 -1.71
C MET A 5 4.80 1.43 -1.56
N SER A 6 4.45 1.85 -0.35
CA SER A 6 4.27 3.26 -0.02
C SER A 6 5.29 3.67 1.01
N HIS A 7 5.50 4.98 1.12
CA HIS A 7 6.34 5.49 2.19
C HIS A 7 5.61 5.36 3.52
N PRO A 8 6.31 5.06 4.61
CA PRO A 8 5.68 5.14 5.93
C PRO A 8 5.01 6.50 6.08
N SER A 9 3.82 6.55 6.67
CA SER A 9 3.02 7.77 6.60
C SER A 9 2.99 8.56 7.92
N GLY A 10 3.79 8.16 8.91
CA GLY A 10 3.79 8.85 10.19
C GLY A 10 4.08 10.34 10.09
N ASP A 11 5.08 10.73 9.30
CA ASP A 11 5.43 12.14 9.16
C ASP A 11 4.25 12.96 8.63
N VAL A 12 3.52 12.42 7.65
CA VAL A 12 2.43 13.18 7.10
C VAL A 12 1.19 13.12 7.99
N GLU A 13 1.00 12.01 8.71
CA GLU A 13 -0.18 11.90 9.58
C GLU A 13 -0.22 13.01 10.60
N ALA A 14 0.93 13.35 11.19
CA ALA A 14 1.00 14.38 12.21
C ALA A 14 0.80 15.78 11.65
N CYS A 15 0.52 15.94 10.35
CA CYS A 15 0.26 17.25 9.76
C CYS A 15 -1.17 17.40 9.25
N MET A 16 -1.99 16.35 9.32
CA MET A 16 -3.35 16.39 8.82
C MET A 16 -4.27 17.08 9.83
N VAL A 17 -5.09 18.02 9.35
CA VAL A 17 -6.06 18.70 10.19
C VAL A 17 -7.40 18.73 9.46
N GLN A 18 -8.45 19.06 10.20
CA GLN A 18 -9.76 19.31 9.63
C GLN A 18 -9.95 20.81 9.47
N VAL A 19 -10.37 21.23 8.28
CA VAL A 19 -10.66 22.64 8.02
C VAL A 19 -12.14 22.77 7.71
N THR A 20 -12.78 23.75 8.35
CA THR A 20 -14.20 24.01 8.19
C THR A 20 -14.41 25.46 7.85
N CYS A 21 -15.30 25.70 6.89
CA CYS A 21 -15.70 27.05 6.51
C CYS A 21 -17.19 26.98 6.23
N GLY A 22 -17.98 27.57 7.11
CA GLY A 22 -19.41 27.52 6.90
C GLY A 22 -19.90 26.10 7.05
N SER A 23 -20.64 25.65 6.05
CA SER A 23 -21.16 24.29 6.03
C SER A 23 -20.21 23.29 5.37
N MET A 24 -19.03 23.71 4.93
CA MET A 24 -18.11 22.81 4.24
C MET A 24 -16.93 22.45 5.13
N THR A 25 -16.54 21.18 5.09
CA THR A 25 -15.42 20.68 5.88
C THR A 25 -14.62 19.70 5.02
N LEU A 26 -13.30 19.68 5.23
CA LEU A 26 -12.41 18.80 4.47
C LEU A 26 -11.06 18.76 5.18
N ASN A 27 -10.06 18.19 4.50
CA ASN A 27 -8.74 17.99 5.09
C ASN A 27 -7.79 19.11 4.72
N GLY A 28 -6.89 19.44 5.66
CA GLY A 28 -5.82 20.37 5.37
C GLY A 28 -4.50 19.85 5.90
N LEU A 29 -3.42 20.50 5.45
CA LEU A 29 -2.04 20.11 5.76
C LEU A 29 -1.39 21.23 6.57
N TRP A 30 -1.02 20.92 7.80
CA TRP A 30 -0.46 21.90 8.75
C TRP A 30 1.05 21.78 8.73
N LEU A 31 1.72 22.74 8.09
CA LEU A 31 3.17 22.82 8.04
C LEU A 31 3.60 24.13 8.67
N ASP A 32 4.34 24.06 9.78
CA ASP A 32 4.83 25.25 10.47
C ASP A 32 3.60 26.11 10.83
N ASN A 33 3.55 27.40 10.45
CA ASN A 33 2.39 28.24 10.77
C ASN A 33 1.37 28.31 9.64
N THR A 34 1.43 27.41 8.66
CA THR A 34 0.56 27.42 7.50
C THR A 34 -0.33 26.17 7.46
N VAL A 35 -1.60 26.35 7.13
CA VAL A 35 -2.52 25.24 6.87
C VAL A 35 -2.98 25.39 5.43
N TRP A 36 -2.68 24.40 4.60
CA TRP A 36 -3.08 24.36 3.20
C TRP A 36 -4.33 23.51 3.05
N CYS A 37 -5.25 23.93 2.17
CA CYS A 37 -6.44 23.14 1.91
C CYS A 37 -7.03 23.60 0.59
N PRO A 38 -7.87 22.78 -0.04
CA PRO A 38 -8.49 23.21 -1.30
C PRO A 38 -9.38 24.43 -1.08
N ARG A 39 -9.34 25.36 -2.03
CA ARG A 39 -10.09 26.60 -1.86
C ARG A 39 -11.60 26.39 -2.02
N HIS A 40 -12.04 25.27 -2.58
CA HIS A 40 -13.48 25.09 -2.67
C HIS A 40 -14.14 24.86 -1.31
N VAL A 41 -13.38 24.82 -0.22
CA VAL A 41 -13.98 24.84 1.12
C VAL A 41 -14.78 26.12 1.35
N MET A 42 -14.50 27.19 0.60
CA MET A 42 -15.23 28.46 0.74
C MET A 42 -16.55 28.47 0.00
N CYS A 43 -16.82 27.46 -0.81
CA CYS A 43 -17.91 27.52 -1.75
C CYS A 43 -19.07 26.69 -1.24
N PRO A 44 -20.23 27.29 -0.93
CA PRO A 44 -21.40 26.49 -0.57
C PRO A 44 -21.76 25.54 -1.70
N ALA A 45 -22.41 24.43 -1.36
CA ALA A 45 -22.59 23.36 -2.34
C ALA A 45 -23.49 23.79 -3.50
N ASP A 46 -24.41 24.72 -3.27
CA ASP A 46 -25.34 25.16 -4.31
C ASP A 46 -24.63 25.86 -5.46
N GLN A 47 -23.77 26.83 -5.15
CA GLN A 47 -22.99 27.53 -6.17
C GLN A 47 -21.67 26.84 -6.48
N LEU A 48 -21.54 25.54 -6.21
CA LEU A 48 -20.37 24.77 -6.62
C LEU A 48 -20.23 24.67 -8.13
N SER A 49 -21.33 24.95 -8.86
CA SER A 49 -21.35 24.81 -10.31
C SER A 49 -20.66 25.98 -11.02
N ASP A 50 -20.64 27.16 -10.39
CA ASP A 50 -20.02 28.35 -11.00
C ASP A 50 -19.61 29.30 -9.89
N PRO A 51 -18.57 28.99 -9.14
CA PRO A 51 -18.15 29.84 -8.03
C PRO A 51 -17.31 31.03 -8.50
N ASN A 52 -17.34 32.08 -7.69
CA ASN A 52 -16.49 33.24 -7.92
C ASN A 52 -15.54 33.33 -6.73
N TYR A 53 -14.36 32.73 -6.88
CA TYR A 53 -13.46 32.59 -5.74
C TYR A 53 -12.86 33.92 -5.31
N ASP A 54 -12.69 34.86 -6.25
CA ASP A 54 -12.21 36.18 -5.88
C ASP A 54 -13.21 36.90 -4.99
N ALA A 55 -14.50 36.82 -5.35
CA ALA A 55 -15.54 37.37 -4.48
C ALA A 55 -15.59 36.63 -3.16
N LEU A 56 -15.54 35.28 -3.22
CA LEU A 56 -15.60 34.49 -1.99
C LEU A 56 -14.45 34.83 -1.06
N LEU A 57 -13.25 35.06 -1.61
CA LEU A 57 -12.10 35.41 -0.78
C LEU A 57 -12.32 36.73 -0.04
N ILE A 58 -12.90 37.72 -0.72
CA ILE A 58 -13.20 39.00 -0.08
C ILE A 58 -14.21 38.81 1.04
N SER A 59 -15.25 38.01 0.80
CA SER A 59 -16.29 37.86 1.81
C SER A 59 -15.82 37.11 3.06
N MET A 60 -14.56 36.68 3.14
CA MET A 60 -14.04 35.88 4.24
C MET A 60 -13.17 36.71 5.16
N THR A 61 -13.18 36.34 6.44
CA THR A 61 -12.22 36.80 7.45
C THR A 61 -11.52 35.59 8.07
N ASN A 62 -10.46 35.89 8.84
CA ASN A 62 -9.82 34.86 9.66
C ASN A 62 -10.83 34.11 10.51
N HIS A 63 -11.94 34.74 10.85
CA HIS A 63 -12.93 34.07 11.69
C HIS A 63 -13.83 33.13 10.90
N SER A 64 -13.75 33.14 9.57
CA SER A 64 -14.57 32.25 8.75
C SER A 64 -14.07 30.80 8.74
N PHE A 65 -12.87 30.54 9.26
CA PHE A 65 -12.25 29.22 9.19
C PHE A 65 -11.97 28.70 10.58
N SER A 66 -12.27 27.42 10.80
CA SER A 66 -11.82 26.75 12.00
C SER A 66 -10.99 25.54 11.61
N VAL A 67 -9.97 25.26 12.40
CA VAL A 67 -9.04 24.18 12.12
C VAL A 67 -8.88 23.36 13.39
N GLN A 68 -9.00 22.03 13.28
CA GLN A 68 -8.76 21.10 14.36
C GLN A 68 -7.79 20.01 13.94
N LYS A 69 -6.93 19.60 14.88
CA LYS A 69 -6.09 18.42 14.77
C LYS A 69 -6.65 17.37 15.72
N HIS A 70 -7.00 16.20 15.17
CA HIS A 70 -7.71 15.19 15.93
C HIS A 70 -6.80 14.12 16.51
N ILE A 71 -5.75 13.76 15.82
CA ILE A 71 -4.91 12.63 16.14
C ILE A 71 -3.63 13.14 16.81
N GLY A 72 -2.93 12.25 17.50
CA GLY A 72 -1.71 12.66 18.17
C GLY A 72 -2.00 13.63 19.28
N ALA A 73 -1.15 14.67 19.41
CA ALA A 73 -1.40 15.76 20.35
C ALA A 73 -2.63 16.54 19.89
N PRO A 74 -3.79 16.34 20.52
CA PRO A 74 -5.00 17.01 20.04
C PRO A 74 -5.01 18.49 20.44
N ALA A 75 -4.36 19.30 19.62
CA ALA A 75 -4.40 20.75 19.75
C ALA A 75 -5.24 21.32 18.62
N ASN A 76 -6.01 22.38 18.91
CA ASN A 76 -6.79 23.07 17.88
C ASN A 76 -6.51 24.57 17.91
N LEU A 77 -6.57 25.19 16.73
CA LEU A 77 -5.75 26.35 16.37
C LEU A 77 -6.61 27.55 16.03
N ARG A 78 -5.97 28.71 16.06
CA ARG A 78 -6.62 29.95 15.67
C ARG A 78 -6.01 30.46 14.38
N VAL A 79 -6.87 30.80 13.43
CA VAL A 79 -6.46 31.32 12.13
C VAL A 79 -6.26 32.82 12.25
N VAL A 80 -5.05 33.28 11.89
CA VAL A 80 -4.71 34.70 11.99
C VAL A 80 -4.38 35.29 10.63
N GLY A 81 -4.59 34.54 9.56
CA GLY A 81 -4.45 35.10 8.23
C GLY A 81 -4.93 34.10 7.20
N HIS A 82 -5.25 34.63 6.03
CA HIS A 82 -5.78 33.77 4.99
C HIS A 82 -5.45 34.40 3.66
N ALA A 83 -5.10 33.56 2.70
CA ALA A 83 -4.75 33.98 1.36
C ALA A 83 -5.15 32.86 0.44
N MET A 84 -5.20 33.17 -0.84
CA MET A 84 -5.52 32.20 -1.87
C MET A 84 -4.34 32.14 -2.83
N GLN A 85 -4.05 30.94 -3.32
CA GLN A 85 -2.91 30.72 -4.20
C GLN A 85 -3.33 29.66 -5.20
N GLY A 86 -3.72 30.07 -6.39
CA GLY A 86 -4.28 29.14 -7.35
C GLY A 86 -5.52 28.48 -6.77
N THR A 87 -5.56 27.16 -6.82
CA THR A 87 -6.71 26.42 -6.31
C THR A 87 -6.59 26.10 -4.83
N LEU A 88 -5.67 26.73 -4.11
CA LEU A 88 -5.42 26.39 -2.73
C LEU A 88 -5.68 27.60 -1.83
N LEU A 89 -6.22 27.34 -0.64
CA LEU A 89 -6.17 28.31 0.44
C LEU A 89 -4.88 28.13 1.21
N LYS A 90 -4.30 29.25 1.63
CA LYS A 90 -3.12 29.28 2.48
C LYS A 90 -3.50 30.05 3.74
N LEU A 91 -3.91 29.32 4.79
CA LEU A 91 -4.26 29.92 6.07
C LEU A 91 -3.04 30.00 6.98
N THR A 92 -2.95 31.08 7.75
CA THR A 92 -1.89 31.22 8.75
C THR A 92 -2.50 31.01 10.12
N VAL A 93 -1.86 30.16 10.93
CA VAL A 93 -2.35 29.89 12.27
C VAL A 93 -1.27 30.31 13.25
N ASP A 94 -1.67 30.49 14.50
CA ASP A 94 -0.82 31.10 15.51
C ASP A 94 0.04 30.10 16.27
N VAL A 95 0.05 28.83 15.86
CA VAL A 95 0.92 27.83 16.43
C VAL A 95 1.64 27.14 15.28
N ALA A 96 2.96 26.99 15.41
CA ALA A 96 3.76 26.27 14.42
C ALA A 96 3.69 24.77 14.72
N ASN A 97 3.33 23.97 13.71
CA ASN A 97 3.20 22.53 13.93
C ASN A 97 4.51 21.96 14.48
N PRO A 98 4.58 21.53 15.74
CA PRO A 98 5.85 21.02 16.27
C PRO A 98 6.27 19.69 15.65
N SER A 99 5.40 19.07 14.86
CA SER A 99 5.70 17.82 14.18
C SER A 99 5.98 18.01 12.69
N THR A 100 6.24 19.23 12.25
CA THR A 100 6.49 19.47 10.84
C THR A 100 7.78 18.79 10.40
N PRO A 101 7.74 17.98 9.35
CA PRO A 101 8.97 17.38 8.83
C PRO A 101 9.70 18.33 7.91
N ALA A 102 10.99 18.05 7.71
CA ALA A 102 11.70 18.66 6.61
C ALA A 102 10.96 18.37 5.32
N TYR A 103 10.76 19.40 4.48
CA TYR A 103 9.88 19.19 3.34
C TYR A 103 10.21 20.15 2.22
N THR A 104 9.84 19.75 1.00
CA THR A 104 9.82 20.60 -0.17
C THR A 104 8.46 20.49 -0.85
N PHE A 105 8.24 21.36 -1.82
CA PHE A 105 7.14 21.27 -2.75
C PHE A 105 7.76 21.03 -4.11
N THR A 106 7.30 20.01 -4.81
CA THR A 106 7.69 19.82 -6.20
C THR A 106 6.50 19.25 -6.96
N THR A 107 6.44 19.58 -8.22
CA THR A 107 5.42 19.08 -9.10
C THR A 107 5.93 17.79 -9.74
N VAL A 108 5.10 16.73 -9.72
CA VAL A 108 5.51 15.44 -10.29
C VAL A 108 5.10 15.38 -11.76
N LYS A 109 5.80 14.53 -12.52
CA LYS A 109 5.54 14.35 -13.94
C LYS A 109 4.79 13.04 -14.20
N PRO A 110 4.02 12.97 -15.29
CA PRO A 110 3.41 11.69 -15.65
C PRO A 110 4.43 10.56 -15.65
N GLY A 111 4.00 9.40 -15.17
CA GLY A 111 4.88 8.26 -15.02
C GLY A 111 5.42 8.09 -13.62
N ALA A 112 5.59 9.18 -12.88
CA ALA A 112 6.19 9.13 -11.56
C ALA A 112 5.20 8.63 -10.51
N ALA A 113 5.71 7.93 -9.52
CA ALA A 113 4.91 7.37 -8.44
C ALA A 113 5.00 8.24 -7.19
N PHE A 114 3.92 8.28 -6.43
CA PHE A 114 3.97 8.89 -5.10
C PHE A 114 2.95 8.22 -4.18
N SER A 115 3.18 8.36 -2.87
CA SER A 115 2.28 7.83 -1.85
C SER A 115 1.16 8.81 -1.57
N VAL A 116 0.00 8.27 -1.21
CA VAL A 116 -1.15 9.08 -0.87
C VAL A 116 -1.60 8.68 0.52
N LEU A 117 -1.90 9.67 1.36
CA LEU A 117 -2.51 9.46 2.66
C LEU A 117 -3.96 9.90 2.51
N ALA A 118 -4.87 8.94 2.39
CA ALA A 118 -6.28 9.25 2.33
C ALA A 118 -6.78 9.56 3.74
N CYS A 119 -7.42 10.72 3.92
CA CYS A 119 -7.99 11.12 5.20
C CYS A 119 -9.46 11.48 5.05
N TYR A 120 -10.16 11.49 6.17
CA TYR A 120 -11.55 11.93 6.22
C TYR A 120 -11.72 12.81 7.44
N ASN A 121 -12.16 14.05 7.24
CA ASN A 121 -12.36 15.01 8.33
C ASN A 121 -11.12 15.12 9.22
N GLY A 122 -9.95 15.06 8.59
CA GLY A 122 -8.71 15.20 9.32
C GLY A 122 -8.22 13.94 10.01
N ARG A 123 -8.87 12.80 9.79
CA ARG A 123 -8.39 11.54 10.33
C ARG A 123 -7.82 10.68 9.21
N PRO A 124 -6.53 10.34 9.26
CA PRO A 124 -5.97 9.43 8.27
C PRO A 124 -6.66 8.08 8.36
N THR A 125 -7.01 7.51 7.22
CA THR A 125 -7.67 6.21 7.20
C THR A 125 -6.98 5.18 6.32
N GLY A 126 -6.30 5.59 5.26
CA GLY A 126 -5.58 4.63 4.45
C GLY A 126 -4.40 5.26 3.74
N THR A 127 -3.53 4.39 3.21
CA THR A 127 -2.40 4.80 2.40
C THR A 127 -2.23 3.84 1.21
N PHE A 128 -1.81 4.38 0.08
CA PHE A 128 -1.61 3.62 -1.14
C PHE A 128 -0.71 4.44 -2.04
N THR A 129 -0.28 3.83 -3.14
CA THR A 129 0.59 4.49 -4.10
C THR A 129 -0.11 4.56 -5.45
N VAL A 130 0.07 5.70 -6.11
CA VAL A 130 -0.48 5.94 -7.44
C VAL A 130 0.69 6.38 -8.32
N VAL A 131 0.47 6.38 -9.63
CA VAL A 131 1.35 7.08 -10.54
C VAL A 131 0.54 8.18 -11.21
N MET A 132 1.18 9.31 -11.46
CA MET A 132 0.55 10.42 -12.15
C MET A 132 0.31 9.98 -13.59
N ARG A 133 -0.95 9.84 -14.00
CA ARG A 133 -1.26 9.30 -15.32
C ARG A 133 -0.88 10.29 -16.41
N PRO A 134 -0.63 9.81 -17.63
CA PRO A 134 -0.34 10.74 -18.75
C PRO A 134 -1.43 11.79 -19.00
N ASN A 135 -2.68 11.50 -18.67
CA ASN A 135 -3.73 12.50 -18.75
C ASN A 135 -3.86 13.32 -17.46
N TYR A 136 -2.85 13.25 -16.59
CA TYR A 136 -2.76 14.12 -15.42
C TYR A 136 -3.92 13.85 -14.45
N THR A 137 -4.31 12.59 -14.36
CA THR A 137 -5.20 12.10 -13.34
C THR A 137 -4.46 11.02 -12.54
N ILE A 138 -5.13 10.50 -11.51
CA ILE A 138 -4.64 9.35 -10.76
C ILE A 138 -5.84 8.47 -10.46
N LYS A 139 -5.58 7.19 -10.23
CA LYS A 139 -6.56 6.19 -9.83
C LYS A 139 -6.25 5.81 -8.40
N GLY A 140 -7.13 6.14 -7.47
CA GLY A 140 -6.97 5.66 -6.12
C GLY A 140 -8.33 5.45 -5.49
N SER A 141 -8.37 5.33 -4.18
CA SER A 141 -9.65 5.24 -3.47
C SER A 141 -9.85 6.56 -2.73
N PHE A 142 -10.73 7.40 -3.28
CA PHE A 142 -11.04 8.72 -2.72
C PHE A 142 -12.56 8.78 -2.55
N LEU A 143 -13.05 8.40 -1.38
CA LEU A 143 -14.47 8.46 -1.09
C LEU A 143 -14.87 9.88 -0.64
N CYS A 144 -16.12 10.02 -0.20
CA CYS A 144 -16.65 11.32 0.21
C CYS A 144 -15.88 11.91 1.37
N GLY A 145 -15.49 13.17 1.23
CA GLY A 145 -14.80 13.88 2.28
C GLY A 145 -13.29 13.73 2.29
N SER A 146 -12.70 13.13 1.26
CA SER A 146 -11.26 12.96 1.22
C SER A 146 -10.53 14.11 0.55
N CYS A 147 -11.27 15.12 0.07
CA CYS A 147 -10.63 16.31 -0.49
C CYS A 147 -9.67 16.91 0.52
N GLY A 148 -8.50 17.32 0.04
CA GLY A 148 -7.44 17.77 0.90
C GLY A 148 -6.46 16.69 1.29
N SER A 149 -6.74 15.44 0.92
CA SER A 149 -5.75 14.38 1.10
C SER A 149 -4.52 14.68 0.26
N VAL A 150 -3.39 14.15 0.70
CA VAL A 150 -2.08 14.65 0.31
C VAL A 150 -1.25 13.52 -0.31
N GLY A 151 -0.53 13.85 -1.37
CA GLY A 151 0.42 12.92 -1.97
C GLY A 151 1.85 13.43 -1.81
N TYR A 152 2.79 12.49 -1.67
CA TYR A 152 4.17 12.87 -1.34
C TYR A 152 5.15 11.75 -1.67
N THR A 153 6.41 12.12 -1.87
CA THR A 153 7.52 11.18 -1.85
C THR A 153 8.45 11.55 -0.70
N LYS A 154 9.41 10.67 -0.41
CA LYS A 154 10.36 10.92 0.68
C LYS A 154 11.76 10.62 0.18
N GLU A 155 12.67 11.58 0.34
CA GLU A 155 14.09 11.42 -0.03
C GLU A 155 14.95 11.75 1.19
N GLY A 156 15.57 10.74 1.77
CA GLY A 156 16.29 10.96 3.00
C GLY A 156 15.30 11.34 4.10
N SER A 157 15.57 12.45 4.78
CA SER A 157 14.64 12.94 5.79
C SER A 157 13.57 13.88 5.22
N VAL A 158 13.66 14.23 3.94
CA VAL A 158 12.84 15.29 3.37
C VAL A 158 11.59 14.69 2.72
N ILE A 159 10.42 15.09 3.19
CA ILE A 159 9.17 14.81 2.50
C ILE A 159 9.03 15.78 1.34
N ASN A 160 8.75 15.26 0.14
CA ASN A 160 8.39 16.13 -0.98
C ASN A 160 6.88 16.04 -1.19
N PHE A 161 6.16 17.09 -0.80
CA PHE A 161 4.72 17.13 -1.06
C PHE A 161 4.47 17.50 -2.50
N CYS A 162 3.65 16.69 -3.18
CA CYS A 162 3.39 16.91 -4.59
C CYS A 162 1.91 16.93 -4.97
N TYR A 163 1.00 16.55 -4.07
CA TYR A 163 -0.39 16.41 -4.51
C TYR A 163 -1.32 16.72 -3.34
N MET A 164 -2.35 17.52 -3.62
CA MET A 164 -3.45 17.72 -2.66
C MET A 164 -4.74 17.44 -3.38
N HIS A 165 -5.50 16.47 -2.88
CA HIS A 165 -6.66 15.98 -3.63
C HIS A 165 -7.75 17.05 -3.71
N GLN A 166 -8.34 17.19 -4.89
CA GLN A 166 -9.35 18.22 -5.17
C GLN A 166 -10.69 17.64 -5.62
N MET A 167 -10.71 16.76 -6.61
CA MET A 167 -11.99 16.35 -7.20
C MET A 167 -11.93 14.97 -7.82
N GLU A 168 -13.11 14.37 -7.95
CA GLU A 168 -13.33 13.21 -8.79
C GLU A 168 -13.92 13.67 -10.12
N LEU A 169 -13.43 13.08 -11.22
CA LEU A 169 -13.87 13.48 -12.55
C LEU A 169 -14.89 12.50 -13.12
N ALA A 170 -14.43 11.31 -13.53
CA ALA A 170 -15.27 10.16 -13.84
C ALA A 170 -15.10 9.14 -12.73
N ASN A 171 -15.79 8.00 -12.83
CA ASN A 171 -15.73 7.05 -11.73
C ASN A 171 -14.30 6.52 -11.57
N GLY A 172 -13.73 6.73 -10.39
CA GLY A 172 -12.41 6.24 -10.10
C GLY A 172 -11.27 7.12 -10.58
N THR A 173 -11.56 8.21 -11.31
CA THR A 173 -10.54 9.08 -11.87
C THR A 173 -10.52 10.39 -11.09
N HIS A 174 -9.34 10.78 -10.62
CA HIS A 174 -9.19 11.84 -9.65
C HIS A 174 -8.09 12.78 -10.10
N THR A 175 -8.13 14.01 -9.58
CA THR A 175 -7.03 14.93 -9.80
C THR A 175 -6.99 15.96 -8.66
N GLY A 176 -5.96 16.78 -8.70
CA GLY A 176 -5.69 17.65 -7.58
C GLY A 176 -4.64 18.66 -7.96
N SER A 177 -4.11 19.32 -6.93
CA SER A 177 -3.18 20.43 -7.07
C SER A 177 -1.79 20.03 -6.62
N ALA A 178 -0.80 20.65 -7.25
CA ALA A 178 0.53 20.79 -6.67
C ALA A 178 0.49 21.93 -5.65
N PHE A 179 1.47 21.96 -4.76
CA PHE A 179 1.39 22.92 -3.68
C PHE A 179 1.80 24.32 -4.10
N ASP A 180 2.11 24.53 -5.38
CA ASP A 180 2.16 25.88 -5.91
C ASP A 180 0.79 26.39 -6.28
N GLY A 181 -0.24 25.55 -6.26
CA GLY A 181 -1.62 25.97 -6.42
C GLY A 181 -2.22 25.60 -7.76
N THR A 182 -1.44 25.13 -8.72
CA THR A 182 -1.93 24.77 -10.03
C THR A 182 -2.47 23.35 -10.03
N MET A 183 -3.63 23.17 -10.65
CA MET A 183 -4.25 21.87 -10.80
C MET A 183 -3.48 21.04 -11.82
N TYR A 184 -3.20 19.78 -11.50
CA TYR A 184 -2.62 18.90 -12.50
C TYR A 184 -3.56 18.80 -13.69
N GLY A 185 -3.01 18.96 -14.90
CA GLY A 185 -3.82 18.88 -16.11
C GLY A 185 -4.73 20.06 -16.37
N ALA A 186 -4.62 21.13 -15.57
CA ALA A 186 -5.35 22.39 -15.74
C ALA A 186 -6.86 22.25 -15.56
N PHE A 187 -7.35 21.16 -14.95
CA PHE A 187 -8.77 21.04 -14.68
C PHE A 187 -9.26 22.17 -13.78
N MET A 188 -10.56 22.46 -13.84
CA MET A 188 -11.16 23.52 -13.03
C MET A 188 -11.82 22.93 -11.80
N ASP A 189 -11.68 23.62 -10.68
CA ASP A 189 -12.32 23.16 -9.44
C ASP A 189 -13.73 23.73 -9.40
N LYS A 190 -14.63 23.08 -10.15
CA LYS A 190 -16.03 23.40 -10.39
C LYS A 190 -16.77 22.09 -10.61
N GLN A 191 -17.92 21.92 -9.93
CA GLN A 191 -18.81 20.82 -10.27
C GLN A 191 -19.42 21.09 -11.63
N VAL A 192 -18.59 20.94 -12.65
CA VAL A 192 -18.94 21.10 -14.05
C VAL A 192 -18.28 19.94 -14.78
N HIS A 193 -18.93 19.43 -15.81
CA HIS A 193 -18.32 18.35 -16.55
C HIS A 193 -17.23 18.93 -17.46
N GLN A 194 -16.02 18.38 -17.34
CA GLN A 194 -14.91 18.74 -18.19
C GLN A 194 -14.31 17.49 -18.79
N VAL A 195 -13.70 17.63 -19.96
CA VAL A 195 -13.22 16.49 -20.71
C VAL A 195 -11.74 16.26 -20.38
N GLN A 196 -11.41 15.02 -20.05
CA GLN A 196 -10.03 14.60 -19.83
C GLN A 196 -9.47 13.97 -21.12
N LEU A 197 -8.18 14.23 -21.38
CA LEU A 197 -7.50 13.55 -22.48
C LEU A 197 -7.52 12.04 -22.27
N THR A 198 -7.16 11.31 -23.31
CA THR A 198 -7.12 9.86 -23.18
C THR A 198 -5.88 9.45 -22.39
N ASP A 199 -6.04 8.42 -21.56
CA ASP A 199 -4.91 7.84 -20.86
C ASP A 199 -4.07 6.99 -21.81
N LYS A 200 -2.80 6.82 -21.46
CA LYS A 200 -1.87 6.04 -22.23
C LYS A 200 -1.07 5.16 -21.28
N TYR A 201 -0.53 4.07 -21.79
CA TYR A 201 0.45 3.31 -21.02
C TYR A 201 1.74 4.11 -20.90
N CYS A 202 2.35 4.08 -19.71
CA CYS A 202 3.68 4.68 -19.52
C CYS A 202 4.72 3.65 -19.95
N SER A 203 5.34 3.89 -21.10
CA SER A 203 6.25 2.92 -21.69
C SER A 203 7.45 2.62 -20.80
N VAL A 204 8.04 3.65 -20.20
CA VAL A 204 9.22 3.42 -19.37
C VAL A 204 8.87 2.53 -18.18
N ASN A 205 7.66 2.65 -17.64
CA ASN A 205 7.27 1.76 -16.55
C ASN A 205 6.98 0.35 -17.05
N VAL A 206 6.31 0.21 -18.20
CA VAL A 206 6.11 -1.15 -18.72
C VAL A 206 7.45 -1.85 -18.90
N VAL A 207 8.46 -1.14 -19.40
CA VAL A 207 9.77 -1.74 -19.64
C VAL A 207 10.38 -2.19 -18.32
N ALA A 208 10.20 -1.40 -17.25
CA ALA A 208 10.76 -1.78 -15.96
C ALA A 208 10.08 -3.04 -15.44
N TRP A 209 8.76 -3.15 -15.67
CA TRP A 209 8.02 -4.33 -15.25
C TRP A 209 8.50 -5.59 -15.97
N LEU A 210 8.79 -5.48 -17.28
CA LEU A 210 9.32 -6.64 -18.01
C LEU A 210 10.70 -7.01 -17.51
N TYR A 211 11.52 -6.01 -17.19
CA TYR A 211 12.81 -6.28 -16.53
C TYR A 211 12.61 -7.04 -15.22
N ALA A 212 11.64 -6.60 -14.41
CA ALA A 212 11.38 -7.30 -13.15
C ALA A 212 10.96 -8.74 -13.42
N ALA A 213 10.16 -8.94 -14.47
CA ALA A 213 9.79 -10.29 -14.88
C ALA A 213 11.02 -11.11 -15.26
N ILE A 214 11.91 -10.54 -16.09
CA ILE A 214 13.13 -11.26 -16.44
C ILE A 214 13.94 -11.60 -15.19
N LEU A 215 14.10 -10.64 -14.27
CA LEU A 215 14.91 -10.93 -13.09
C LEU A 215 14.30 -12.03 -12.22
N ASN A 216 13.00 -12.28 -12.33
CA ASN A 216 12.35 -13.33 -11.58
C ASN A 216 12.15 -14.61 -12.42
N GLY A 217 12.89 -14.74 -13.52
CA GLY A 217 12.84 -15.96 -14.32
C GLY A 217 11.62 -16.11 -15.21
N CYS A 218 10.85 -15.04 -15.40
CA CYS A 218 9.72 -15.03 -16.34
C CYS A 218 10.17 -14.25 -17.57
N ALA A 219 10.69 -14.98 -18.57
CA ALA A 219 11.31 -14.37 -19.74
C ALA A 219 10.86 -15.01 -21.06
N TRP A 220 9.73 -15.74 -21.05
CA TRP A 220 9.26 -16.37 -22.28
C TRP A 220 9.02 -15.36 -23.40
N PHE A 221 8.86 -14.08 -23.09
CA PHE A 221 8.51 -13.08 -24.10
C PHE A 221 9.72 -12.41 -24.74
N VAL A 222 10.94 -12.77 -24.35
CA VAL A 222 12.11 -12.10 -24.86
C VAL A 222 12.56 -12.77 -26.15
N LYS A 223 12.66 -11.98 -27.22
CA LYS A 223 13.12 -12.40 -28.52
C LYS A 223 14.45 -11.74 -28.83
N PRO A 224 15.19 -12.25 -29.80
CA PRO A 224 16.35 -11.49 -30.31
C PRO A 224 15.93 -10.18 -30.96
N ASN A 225 14.70 -10.13 -31.49
CA ASN A 225 14.26 -9.00 -32.29
C ASN A 225 14.26 -7.70 -31.48
N ARG A 226 14.46 -6.59 -32.18
CA ARG A 226 14.58 -5.28 -31.54
C ARG A 226 13.76 -4.26 -32.31
N THR A 227 13.31 -3.23 -31.59
CA THR A 227 12.77 -2.01 -32.16
C THR A 227 13.55 -0.85 -31.55
N SER A 228 14.01 0.06 -32.39
CA SER A 228 14.75 1.21 -31.90
C SER A 228 13.83 2.11 -31.08
N VAL A 229 14.44 2.95 -30.25
CA VAL A 229 13.63 3.89 -29.47
C VAL A 229 12.93 4.86 -30.40
N VAL A 230 13.66 5.35 -31.40
CA VAL A 230 13.10 6.32 -32.34
C VAL A 230 11.86 5.73 -33.02
N SER A 231 11.94 4.45 -33.38
CA SER A 231 10.87 3.83 -34.12
C SER A 231 9.72 3.41 -33.22
N PHE A 232 10.03 2.91 -32.01
CA PHE A 232 8.99 2.65 -31.01
C PHE A 232 8.19 3.90 -30.70
N ASN A 233 8.87 5.05 -30.60
CA ASN A 233 8.18 6.28 -30.25
C ASN A 233 7.19 6.72 -31.34
N GLU A 234 7.49 6.45 -32.62
CA GLU A 234 6.49 6.72 -33.66
C GLU A 234 5.32 5.76 -33.54
N TRP A 235 5.60 4.47 -33.32
CA TRP A 235 4.55 3.49 -33.06
C TRP A 235 3.70 3.89 -31.85
N ALA A 236 4.35 4.35 -30.79
CA ALA A 236 3.64 4.73 -29.56
C ALA A 236 2.59 5.80 -29.82
N LEU A 237 2.91 6.79 -30.66
CA LEU A 237 1.95 7.85 -30.95
C LEU A 237 0.64 7.31 -31.49
N ALA A 238 0.69 6.15 -32.14
CA ALA A 238 -0.46 5.56 -32.80
C ALA A 238 -1.16 4.51 -31.97
N ASN A 239 -0.55 4.04 -30.88
CA ASN A 239 -1.12 2.95 -30.10
C ASN A 239 -1.33 3.31 -28.64
N GLN A 240 -1.35 4.61 -28.33
CA GLN A 240 -1.57 5.13 -26.98
C GLN A 240 -0.55 4.59 -25.97
N PHE A 241 0.73 4.74 -26.33
CA PHE A 241 1.81 4.62 -25.38
C PHE A 241 2.51 5.96 -25.32
N THR A 242 3.08 6.25 -24.17
CA THR A 242 3.92 7.43 -24.05
C THR A 242 5.22 7.24 -24.81
N GLU A 243 5.87 8.36 -25.10
CA GLU A 243 7.26 8.38 -25.51
C GLU A 243 8.14 7.62 -24.52
N PHE A 244 8.99 6.72 -25.03
CA PHE A 244 9.99 6.10 -24.17
C PHE A 244 11.20 7.00 -24.01
N VAL A 245 11.55 7.31 -22.77
CA VAL A 245 12.75 8.08 -22.45
C VAL A 245 13.54 7.29 -21.43
N GLY A 246 14.75 6.86 -21.82
CA GLY A 246 15.55 6.04 -20.95
C GLY A 246 16.18 6.84 -19.83
N THR A 247 16.49 6.14 -18.73
CA THR A 247 17.15 6.75 -17.59
C THR A 247 18.24 5.79 -17.13
N GLN A 248 19.20 6.30 -16.33
CA GLN A 248 20.22 5.42 -15.77
C GLN A 248 19.60 4.31 -14.95
N SER A 249 18.43 4.58 -14.36
CA SER A 249 17.71 3.53 -13.66
C SER A 249 17.38 2.37 -14.59
N VAL A 250 16.88 2.67 -15.80
CA VAL A 250 16.57 1.61 -16.75
C VAL A 250 17.85 0.92 -17.21
N ASP A 251 18.91 1.70 -17.45
CA ASP A 251 20.17 1.13 -17.93
C ASP A 251 20.72 0.08 -16.96
N MET A 252 20.56 0.28 -15.65
CA MET A 252 21.05 -0.70 -14.67
C MET A 252 20.35 -2.06 -14.83
N LEU A 253 19.05 -2.05 -15.12
CA LEU A 253 18.33 -3.31 -15.34
C LEU A 253 18.78 -3.98 -16.64
N ALA A 254 19.05 -3.19 -17.68
CA ALA A 254 19.56 -3.77 -18.92
C ALA A 254 20.94 -4.37 -18.71
N VAL A 255 21.79 -3.68 -17.94
CA VAL A 255 23.12 -4.22 -17.61
C VAL A 255 22.97 -5.52 -16.84
N LYS A 256 22.10 -5.53 -15.81
CA LYS A 256 22.01 -6.69 -14.94
C LYS A 256 21.49 -7.91 -15.68
N THR A 257 20.50 -7.73 -16.57
CA THR A 257 19.91 -8.89 -17.21
C THR A 257 20.59 -9.29 -18.51
N GLY A 258 21.32 -8.39 -19.15
CA GLY A 258 21.85 -8.64 -20.46
C GLY A 258 20.84 -8.49 -21.58
N VAL A 259 19.65 -7.97 -21.30
CA VAL A 259 18.59 -7.81 -22.28
C VAL A 259 18.46 -6.34 -22.60
N ALA A 260 18.57 -5.99 -23.88
CA ALA A 260 18.58 -4.60 -24.28
C ALA A 260 17.18 -3.99 -24.17
N ILE A 261 17.14 -2.66 -23.90
CA ILE A 261 15.88 -1.93 -23.94
C ILE A 261 15.14 -2.24 -25.24
N GLU A 262 15.86 -2.12 -26.35
CA GLU A 262 15.23 -2.29 -27.67
C GLU A 262 14.59 -3.67 -27.84
N GLN A 263 15.10 -4.70 -27.14
CA GLN A 263 14.41 -6.00 -27.21
C GLN A 263 13.05 -5.93 -26.52
N LEU A 264 12.95 -5.17 -25.44
CA LEU A 264 11.70 -5.08 -24.72
C LEU A 264 10.72 -4.13 -25.40
N LEU A 265 11.22 -3.11 -26.09
CA LEU A 265 10.34 -2.29 -26.90
C LEU A 265 9.66 -3.14 -27.97
N TYR A 266 10.42 -4.02 -28.63
CA TYR A 266 9.81 -4.92 -29.59
C TYR A 266 8.77 -5.83 -28.92
N ALA A 267 9.06 -6.32 -27.70
CA ALA A 267 8.15 -7.26 -27.07
C ALA A 267 6.85 -6.60 -26.67
N ILE A 268 6.91 -5.33 -26.24
CA ILE A 268 5.71 -4.58 -25.88
C ILE A 268 4.77 -4.49 -27.08
N GLN A 269 5.33 -4.18 -28.26
CA GLN A 269 4.51 -4.11 -29.47
C GLN A 269 3.80 -5.44 -29.73
N GLN A 270 4.46 -6.55 -29.43
CA GLN A 270 3.86 -7.87 -29.60
C GLN A 270 2.90 -8.22 -28.46
N LEU A 271 3.24 -7.85 -27.21
CA LEU A 271 2.36 -8.21 -26.09
C LEU A 271 1.12 -7.34 -26.06
N TYR A 272 1.18 -6.14 -26.62
CA TYR A 272 0.02 -5.26 -26.72
C TYR A 272 -1.12 -5.93 -27.45
N THR A 273 -0.82 -6.71 -28.50
CA THR A 273 -1.86 -7.37 -29.27
C THR A 273 -2.47 -8.56 -28.52
N GLY A 274 -1.87 -8.99 -27.42
CA GLY A 274 -2.45 -10.01 -26.56
C GLY A 274 -1.40 -10.97 -26.06
N PHE A 275 -1.58 -11.41 -24.82
CA PHE A 275 -0.65 -12.36 -24.21
C PHE A 275 -0.92 -13.79 -24.66
N GLN A 276 -1.83 -14.01 -25.61
CA GLN A 276 -2.37 -15.33 -25.94
C GLN A 276 -2.85 -15.93 -24.63
N GLY A 277 -2.48 -17.15 -24.27
CA GLY A 277 -2.96 -17.60 -22.98
C GLY A 277 -2.01 -17.42 -21.82
N LYS A 278 -0.93 -16.65 -21.98
CA LYS A 278 0.18 -16.66 -21.05
C LYS A 278 0.08 -15.53 -20.01
N GLN A 279 0.85 -15.68 -18.96
CA GLN A 279 0.87 -14.70 -17.89
C GLN A 279 2.28 -14.14 -17.75
N ILE A 280 2.37 -12.92 -17.24
CA ILE A 280 3.64 -12.30 -16.86
C ILE A 280 3.49 -11.79 -15.44
N LEU A 281 4.31 -12.32 -14.52
CA LEU A 281 4.32 -11.92 -13.10
C LEU A 281 2.91 -11.81 -12.54
N GLY A 282 2.14 -12.89 -12.72
CA GLY A 282 0.77 -12.95 -12.25
C GLY A 282 -0.25 -12.32 -13.16
N SER A 283 0.17 -11.53 -14.14
CA SER A 283 -0.72 -10.62 -14.86
C SER A 283 -0.96 -11.09 -16.29
N THR A 284 -2.16 -10.78 -16.81
CA THR A 284 -2.51 -11.05 -18.19
C THR A 284 -2.59 -9.78 -19.03
N MET A 285 -2.19 -8.64 -18.47
CA MET A 285 -2.09 -7.37 -19.17
C MET A 285 -0.77 -6.71 -18.81
N LEU A 286 -0.38 -5.72 -19.59
CA LEU A 286 0.82 -4.97 -19.25
C LEU A 286 0.57 -4.13 -18.01
N GLU A 287 1.56 -4.07 -17.14
CA GLU A 287 1.54 -3.25 -15.93
C GLU A 287 2.43 -2.04 -16.14
N ASP A 288 1.92 -0.84 -15.83
CA ASP A 288 2.71 0.37 -15.99
C ASP A 288 2.75 1.25 -14.73
N GLU A 289 2.45 0.70 -13.56
CA GLU A 289 2.50 1.49 -12.34
C GLU A 289 3.73 1.20 -11.48
N PHE A 290 4.65 0.37 -11.98
CA PHE A 290 5.95 0.15 -11.35
C PHE A 290 7.05 0.90 -12.12
N THR A 291 7.77 1.73 -11.43
CA THR A 291 8.81 2.56 -12.02
C THR A 291 10.13 1.79 -12.03
N PRO A 292 11.09 2.21 -12.87
CA PRO A 292 12.41 1.57 -12.83
C PRO A 292 13.11 1.75 -11.49
N GLU A 293 12.93 2.92 -10.86
CA GLU A 293 13.44 3.12 -9.51
C GLU A 293 12.82 2.11 -8.55
N ASP A 294 11.50 1.96 -8.62
CA ASP A 294 10.82 0.97 -7.80
C ASP A 294 11.34 -0.44 -8.04
N VAL A 295 11.55 -0.81 -9.31
CA VAL A 295 12.04 -2.16 -9.59
C VAL A 295 13.46 -2.33 -9.07
N ASN A 296 14.32 -1.35 -9.32
CA ASN A 296 15.67 -1.41 -8.79
C ASN A 296 15.67 -1.59 -7.27
N MET A 297 14.77 -0.90 -6.57
CA MET A 297 14.73 -0.99 -5.11
C MET A 297 14.29 -2.37 -4.64
N GLN A 298 13.18 -2.88 -5.19
CA GLN A 298 12.56 -4.09 -4.64
C GLN A 298 13.33 -5.34 -5.03
N ILE A 299 13.92 -5.37 -6.22
CA ILE A 299 14.51 -6.59 -6.75
C ILE A 299 16.03 -6.52 -6.62
N MET A 300 16.56 -5.30 -6.65
CA MET A 300 17.99 -5.04 -6.66
C MET A 300 18.68 -5.76 -7.83
N GLY B 1 -12.75 0.46 -9.48
CA GLY B 1 -11.51 -0.28 -9.62
C GLY B 1 -10.76 -0.39 -8.30
N LEU B 2 -10.48 -1.62 -7.88
CA LEU B 2 -9.92 -1.86 -6.56
C LEU B 2 -8.47 -1.43 -6.48
N VAL B 3 -8.06 -0.92 -5.30
CA VAL B 3 -6.66 -0.58 -5.09
C VAL B 3 -6.19 -1.23 -3.80
N LYS B 4 -4.92 -1.63 -3.79
CA LYS B 4 -4.33 -2.17 -2.58
C LYS B 4 -4.05 -1.03 -1.61
N MET B 5 -4.65 -1.11 -0.43
CA MET B 5 -4.67 -0.03 0.55
C MET B 5 -4.13 -0.57 1.86
N SER B 6 -3.21 0.17 2.47
CA SER B 6 -2.70 -0.22 3.76
C SER B 6 -3.24 0.69 4.85
N HIS B 7 -3.05 0.28 6.10
CA HIS B 7 -3.40 1.19 7.16
C HIS B 7 -2.35 2.29 7.29
N PRO B 8 -2.74 3.47 7.76
CA PRO B 8 -1.72 4.45 8.16
C PRO B 8 -0.78 3.81 9.18
N SER B 9 0.53 4.00 8.99
CA SER B 9 1.52 3.27 9.76
C SER B 9 2.08 4.06 10.95
N GLY B 10 1.64 5.31 11.15
CA GLY B 10 2.28 6.19 12.13
C GLY B 10 2.36 5.59 13.53
N ASP B 11 1.23 5.06 14.02
CA ASP B 11 1.19 4.44 15.35
C ASP B 11 2.23 3.32 15.49
N VAL B 12 2.40 2.51 14.44
CA VAL B 12 3.36 1.41 14.52
C VAL B 12 4.78 1.91 14.37
N GLU B 13 5.03 2.94 13.55
CA GLU B 13 6.35 3.53 13.45
C GLU B 13 6.87 3.93 14.82
N ALA B 14 6.00 4.49 15.67
CA ALA B 14 6.39 4.98 16.98
C ALA B 14 6.78 3.87 17.95
N CYS B 15 6.63 2.60 17.56
CA CYS B 15 6.97 1.48 18.42
C CYS B 15 8.18 0.70 17.93
N MET B 16 8.75 1.06 16.78
CA MET B 16 9.82 0.25 16.23
C MET B 16 11.14 0.61 16.89
N VAL B 17 11.95 -0.42 17.16
CA VAL B 17 13.27 -0.26 17.74
C VAL B 17 14.21 -1.24 17.04
N GLN B 18 15.50 -1.03 17.27
CA GLN B 18 16.53 -1.93 16.78
C GLN B 18 17.00 -2.76 17.96
N VAL B 19 17.14 -4.07 17.74
CA VAL B 19 17.60 -4.99 18.77
C VAL B 19 18.89 -5.62 18.29
N THR B 20 19.91 -5.59 19.14
CA THR B 20 21.19 -6.17 18.79
C THR B 20 21.66 -7.12 19.89
N CYS B 21 22.18 -8.27 19.48
CA CYS B 21 22.64 -9.31 20.38
C CYS B 21 23.96 -9.84 19.84
N GLY B 22 25.06 -9.46 20.47
CA GLY B 22 26.36 -9.83 19.92
C GLY B 22 26.52 -9.18 18.57
N SER B 23 26.81 -9.99 17.55
CA SER B 23 27.01 -9.49 16.18
C SER B 23 25.73 -9.39 15.36
N MET B 24 24.61 -9.88 15.85
CA MET B 24 23.37 -9.87 15.08
C MET B 24 22.49 -8.71 15.50
N THR B 25 21.80 -8.14 14.53
CA THR B 25 20.91 -7.01 14.75
C THR B 25 19.70 -7.16 13.84
N LEU B 26 18.54 -6.72 14.30
CA LEU B 26 17.29 -6.76 13.53
C LEU B 26 16.32 -5.80 14.20
N ASN B 27 15.05 -5.85 13.79
CA ASN B 27 14.00 -4.98 14.33
C ASN B 27 13.26 -5.64 15.49
N GLY B 28 12.75 -4.79 16.39
CA GLY B 28 11.85 -5.23 17.43
C GLY B 28 10.69 -4.26 17.61
N LEU B 29 9.71 -4.70 18.38
CA LEU B 29 8.47 -3.95 18.59
C LEU B 29 8.33 -3.61 20.08
N TRP B 30 8.26 -2.32 20.39
CA TRP B 30 8.31 -1.82 21.76
C TRP B 30 6.91 -1.42 22.20
N LEU B 31 6.32 -2.22 23.10
CA LEU B 31 4.98 -1.99 23.63
C LEU B 31 5.03 -1.99 25.16
N ASP B 32 4.54 -0.91 25.76
CA ASP B 32 4.68 -0.74 27.21
C ASP B 32 6.15 -0.91 27.58
N ASN B 33 6.45 -1.84 28.48
CA ASN B 33 7.80 -2.14 28.92
C ASN B 33 8.40 -3.36 28.25
N THR B 34 7.85 -3.77 27.11
CA THR B 34 8.27 -5.01 26.48
C THR B 34 8.74 -4.73 25.07
N VAL B 35 9.83 -5.38 24.69
CA VAL B 35 10.32 -5.36 23.33
C VAL B 35 10.27 -6.78 22.81
N TRP B 36 9.47 -7.01 21.76
CA TRP B 36 9.37 -8.31 21.09
C TRP B 36 10.30 -8.36 19.90
N CYS B 37 10.96 -9.49 19.68
CA CYS B 37 11.78 -9.63 18.49
C CYS B 37 11.99 -11.11 18.17
N PRO B 38 12.39 -11.43 16.95
CA PRO B 38 12.66 -12.84 16.60
C PRO B 38 13.86 -13.38 17.36
N ARG B 39 13.70 -14.59 17.91
CA ARG B 39 14.74 -15.17 18.76
C ARG B 39 16.01 -15.49 17.99
N HIS B 40 15.97 -15.54 16.66
CA HIS B 40 17.23 -15.89 15.98
C HIS B 40 18.25 -14.76 16.02
N VAL B 41 17.93 -13.60 16.62
CA VAL B 41 18.96 -12.61 16.92
C VAL B 41 20.01 -13.17 17.87
N MET B 42 19.68 -14.22 18.64
CA MET B 42 20.64 -14.85 19.54
C MET B 42 21.62 -15.76 18.83
N CYS B 43 21.37 -16.08 17.57
CA CYS B 43 22.07 -17.17 16.92
C CYS B 43 23.20 -16.62 16.07
N PRO B 44 24.46 -16.95 16.37
CA PRO B 44 25.56 -16.53 15.51
C PRO B 44 25.35 -17.02 14.09
N ALA B 45 25.82 -16.23 13.12
CA ALA B 45 25.54 -16.50 11.71
C ALA B 45 25.92 -17.92 11.32
N ASP B 46 27.09 -18.39 11.80
CA ASP B 46 27.58 -19.71 11.44
C ASP B 46 26.66 -20.82 11.90
N GLN B 47 25.92 -20.57 12.98
CA GLN B 47 25.23 -21.62 13.73
C GLN B 47 23.75 -21.72 13.38
N LEU B 48 23.32 -21.12 12.26
CA LEU B 48 21.89 -21.09 11.95
C LEU B 48 21.39 -22.41 11.39
N SER B 49 22.29 -23.26 10.89
CA SER B 49 21.98 -24.59 10.37
C SER B 49 20.99 -25.32 11.26
N ASP B 50 21.36 -25.51 12.52
CA ASP B 50 20.42 -25.88 13.57
C ASP B 50 20.91 -25.23 14.87
N PRO B 51 20.14 -24.30 15.43
CA PRO B 51 20.51 -23.74 16.73
C PRO B 51 19.73 -24.38 17.87
N ASN B 52 20.34 -24.47 19.05
CA ASN B 52 19.62 -24.89 20.25
C ASN B 52 19.19 -23.61 20.97
N TYR B 53 17.95 -23.19 20.73
CA TYR B 53 17.50 -21.90 21.25
C TYR B 53 17.39 -21.93 22.77
N ASP B 54 17.15 -23.11 23.35
CA ASP B 54 17.18 -23.21 24.79
C ASP B 54 18.61 -23.09 25.33
N ALA B 55 19.58 -23.71 24.64
CA ALA B 55 21.00 -23.56 24.92
C ALA B 55 21.57 -22.23 24.42
N LEU B 56 20.73 -21.33 23.92
CA LEU B 56 21.14 -19.96 23.63
C LEU B 56 20.61 -18.96 24.65
N LEU B 57 19.36 -19.14 25.10
CA LEU B 57 18.77 -18.23 26.07
C LEU B 57 19.44 -18.30 27.44
N ILE B 58 19.93 -19.48 27.85
CA ILE B 58 20.67 -19.60 29.10
C ILE B 58 22.00 -18.85 29.02
N SER B 59 22.68 -18.92 27.87
CA SER B 59 23.94 -18.22 27.69
C SER B 59 23.79 -16.70 27.76
N MET B 60 22.56 -16.19 27.81
CA MET B 60 22.32 -14.76 27.76
C MET B 60 22.47 -14.15 29.15
N THR B 61 23.15 -13.01 29.23
CA THR B 61 23.38 -12.34 30.50
C THR B 61 22.65 -11.00 30.54
N ASN B 62 22.94 -10.23 31.58
CA ASN B 62 22.19 -9.00 31.84
C ASN B 62 22.33 -8.00 30.70
N HIS B 63 23.46 -8.02 29.98
CA HIS B 63 23.73 -7.02 28.95
C HIS B 63 24.04 -7.67 27.61
N SER B 64 23.47 -8.84 27.36
CA SER B 64 23.60 -9.46 26.05
C SER B 64 22.77 -8.73 24.99
N PHE B 65 21.67 -8.11 25.39
CA PHE B 65 20.81 -7.43 24.45
C PHE B 65 20.96 -5.92 24.60
N SER B 66 21.05 -5.26 23.47
CA SER B 66 21.02 -3.80 23.37
C SER B 66 19.86 -3.39 22.47
N VAL B 67 19.12 -2.35 22.87
CA VAL B 67 17.92 -1.89 22.19
C VAL B 67 18.06 -0.41 21.90
N GLN B 68 17.80 0.00 20.65
CA GLN B 68 17.90 1.40 20.27
C GLN B 68 16.63 1.88 19.61
N LYS B 69 16.14 3.04 20.06
CA LYS B 69 15.08 3.77 19.37
C LYS B 69 15.71 4.86 18.51
N HIS B 70 15.47 4.81 17.21
CA HIS B 70 15.99 5.81 16.28
C HIS B 70 14.99 6.90 15.93
N ILE B 71 13.71 6.56 15.84
CA ILE B 71 12.66 7.48 15.39
C ILE B 71 12.17 8.28 16.59
N GLY B 72 11.88 9.56 16.38
CA GLY B 72 11.59 10.41 17.50
C GLY B 72 12.86 10.81 18.22
N ALA B 73 12.83 10.86 19.56
CA ALA B 73 14.02 11.24 20.33
C ALA B 73 14.90 10.01 20.48
N PRO B 74 16.12 10.00 19.91
CA PRO B 74 16.97 8.81 20.01
C PRO B 74 17.26 8.44 21.47
N ALA B 75 17.19 7.15 21.76
CA ALA B 75 17.36 6.66 23.12
C ALA B 75 17.86 5.23 23.06
N ASN B 76 18.75 4.89 23.98
CA ASN B 76 19.04 3.52 24.31
C ASN B 76 18.11 3.10 25.44
N LEU B 77 17.61 1.87 25.37
CA LEU B 77 16.69 1.33 26.36
C LEU B 77 17.37 0.17 27.07
N ARG B 78 17.49 0.28 28.38
CA ARG B 78 18.18 -0.75 29.15
C ARG B 78 17.29 -1.98 29.29
N VAL B 79 17.85 -3.16 29.01
CA VAL B 79 17.12 -4.42 29.10
C VAL B 79 17.29 -4.98 30.50
N VAL B 80 16.18 -5.28 31.17
CA VAL B 80 16.16 -5.73 32.56
C VAL B 80 15.63 -7.13 32.72
N GLY B 81 15.16 -7.76 31.64
CA GLY B 81 14.72 -9.13 31.72
C GLY B 81 14.67 -9.73 30.33
N HIS B 82 14.78 -11.04 30.27
CA HIS B 82 14.65 -11.69 28.98
C HIS B 82 13.98 -13.04 29.12
N ALA B 83 12.98 -13.27 28.28
CA ALA B 83 12.20 -14.49 28.25
C ALA B 83 11.95 -14.89 26.80
N MET B 84 11.61 -16.15 26.61
CA MET B 84 11.37 -16.68 25.28
C MET B 84 9.99 -17.28 25.19
N GLN B 85 9.26 -16.92 24.14
CA GLN B 85 7.91 -17.40 23.92
C GLN B 85 7.79 -17.81 22.45
N GLY B 86 7.69 -19.12 22.23
CA GLY B 86 7.69 -19.62 20.87
C GLY B 86 8.97 -19.21 20.17
N THR B 87 8.81 -18.64 18.98
CA THR B 87 9.93 -18.26 18.14
C THR B 87 10.33 -16.81 18.32
N LEU B 88 9.77 -16.15 19.33
CA LEU B 88 9.99 -14.75 19.64
C LEU B 88 10.70 -14.60 20.98
N LEU B 89 11.50 -13.55 21.10
CA LEU B 89 12.01 -13.12 22.39
C LEU B 89 11.10 -12.04 22.95
N LYS B 90 10.90 -12.08 24.26
CA LYS B 90 10.16 -11.07 24.99
C LYS B 90 11.17 -10.44 25.93
N LEU B 91 11.57 -9.20 25.65
CA LEU B 91 12.60 -8.49 26.40
C LEU B 91 11.94 -7.42 27.24
N THR B 92 12.27 -7.38 28.53
CA THR B 92 11.76 -6.35 29.42
C THR B 92 12.73 -5.18 29.45
N VAL B 93 12.22 -3.97 29.24
CA VAL B 93 13.03 -2.77 29.29
C VAL B 93 12.51 -1.89 30.41
N ASP B 94 13.38 -1.00 30.89
CA ASP B 94 13.04 -0.24 32.09
C ASP B 94 12.21 1.01 31.80
N VAL B 95 11.98 1.36 30.54
CA VAL B 95 11.16 2.49 30.16
C VAL B 95 9.98 1.98 29.36
N ALA B 96 8.78 2.47 29.70
CA ALA B 96 7.59 2.11 28.95
C ALA B 96 7.46 3.01 27.75
N ASN B 97 7.04 2.44 26.63
CA ASN B 97 6.87 3.24 25.44
C ASN B 97 5.79 4.28 25.69
N PRO B 98 6.14 5.57 25.74
CA PRO B 98 5.11 6.59 26.01
C PRO B 98 4.08 6.69 24.90
N SER B 99 4.35 6.11 23.73
CA SER B 99 3.42 6.12 22.62
C SER B 99 2.86 4.73 22.32
N THR B 100 2.74 3.89 23.34
CA THR B 100 2.08 2.60 23.18
C THR B 100 0.61 2.79 22.82
N PRO B 101 0.14 2.25 21.70
CA PRO B 101 -1.28 2.34 21.38
C PRO B 101 -2.05 1.20 22.02
N ALA B 102 -3.37 1.38 22.05
CA ALA B 102 -4.26 0.25 22.38
C ALA B 102 -4.07 -0.88 21.37
N TYR B 103 -3.82 -2.07 21.87
CA TYR B 103 -3.44 -3.16 20.98
C TYR B 103 -3.96 -4.51 21.48
N THR B 104 -4.01 -5.47 20.57
CA THR B 104 -4.27 -6.88 20.84
C THR B 104 -3.32 -7.71 20.00
N PHE B 105 -3.23 -9.00 20.32
CA PHE B 105 -2.46 -9.98 19.55
C PHE B 105 -3.45 -11.00 19.01
N THR B 106 -3.79 -10.94 17.72
CA THR B 106 -4.60 -11.98 17.10
C THR B 106 -3.86 -12.60 15.92
N THR B 107 -4.06 -13.91 15.75
CA THR B 107 -3.48 -14.60 14.61
C THR B 107 -4.44 -14.47 13.42
N VAL B 108 -3.87 -14.26 12.21
CA VAL B 108 -4.73 -14.11 11.04
C VAL B 108 -4.89 -15.47 10.37
N LYS B 109 -5.99 -15.62 9.65
CA LYS B 109 -6.26 -16.83 8.91
C LYS B 109 -6.02 -16.60 7.42
N PRO B 110 -5.77 -17.66 6.66
CA PRO B 110 -5.56 -17.51 5.21
C PRO B 110 -6.68 -16.72 4.55
N GLY B 111 -6.31 -15.94 3.54
CA GLY B 111 -7.25 -15.07 2.88
C GLY B 111 -7.40 -13.70 3.52
N ALA B 112 -7.13 -13.57 4.81
CA ALA B 112 -7.25 -12.26 5.45
C ALA B 112 -6.07 -11.37 5.08
N ALA B 113 -6.33 -10.06 5.00
CA ALA B 113 -5.32 -9.08 4.63
C ALA B 113 -4.80 -8.36 5.87
N PHE B 114 -3.52 -7.98 5.82
CA PHE B 114 -2.98 -7.12 6.86
C PHE B 114 -1.91 -6.23 6.25
N SER B 115 -1.56 -5.19 6.99
CA SER B 115 -0.58 -4.19 6.60
C SER B 115 0.76 -4.54 7.22
N VAL B 116 1.84 -4.30 6.47
CA VAL B 116 3.19 -4.59 6.91
C VAL B 116 3.97 -3.28 6.90
N LEU B 117 4.64 -2.99 8.02
CA LEU B 117 5.62 -1.92 8.10
C LEU B 117 7.02 -2.54 7.92
N ALA B 118 7.62 -2.35 6.75
CA ALA B 118 8.97 -2.87 6.56
C ALA B 118 10.00 -1.90 7.15
N CYS B 119 10.94 -2.45 7.93
CA CYS B 119 11.93 -1.68 8.64
C CYS B 119 13.31 -2.27 8.43
N TYR B 120 14.31 -1.42 8.62
CA TYR B 120 15.70 -1.86 8.56
C TYR B 120 16.44 -1.26 9.75
N ASN B 121 16.86 -2.12 10.67
CA ASN B 121 17.66 -1.71 11.81
C ASN B 121 16.95 -0.64 12.64
N GLY B 122 15.66 -0.87 12.87
CA GLY B 122 14.82 0.05 13.63
C GLY B 122 14.33 1.26 12.87
N ARG B 123 14.52 1.35 11.57
CA ARG B 123 14.03 2.51 10.82
C ARG B 123 12.98 2.09 9.80
N PRO B 124 11.76 2.60 9.90
CA PRO B 124 10.75 2.33 8.86
C PRO B 124 11.21 2.80 7.48
N THR B 125 11.08 1.92 6.49
CA THR B 125 11.35 2.28 5.11
C THR B 125 10.15 2.17 4.19
N GLY B 126 9.16 1.36 4.49
CA GLY B 126 8.07 1.18 3.55
C GLY B 126 6.92 0.41 4.16
N THR B 127 5.77 0.49 3.48
CA THR B 127 4.56 -0.14 3.96
C THR B 127 3.77 -0.66 2.77
N PHE B 128 3.20 -1.85 2.94
CA PHE B 128 2.39 -2.49 1.91
C PHE B 128 1.38 -3.38 2.62
N THR B 129 0.45 -3.93 1.85
CA THR B 129 -0.53 -4.87 2.36
C THR B 129 -0.40 -6.21 1.64
N VAL B 130 -0.63 -7.29 2.40
CA VAL B 130 -0.56 -8.66 1.87
C VAL B 130 -1.78 -9.41 2.37
N VAL B 131 -2.06 -10.54 1.75
CA VAL B 131 -3.01 -11.49 2.31
C VAL B 131 -2.23 -12.74 2.73
N MET B 132 -2.62 -13.31 3.86
CA MET B 132 -2.02 -14.57 4.28
C MET B 132 -2.42 -15.67 3.29
N ARG B 133 -1.41 -16.30 2.61
CA ARG B 133 -1.73 -17.34 1.63
C ARG B 133 -2.17 -18.64 2.32
N PRO B 134 -2.96 -19.46 1.65
CA PRO B 134 -3.37 -20.74 2.25
C PRO B 134 -2.21 -21.66 2.63
N ASN B 135 -1.03 -21.55 2.02
CA ASN B 135 0.11 -22.30 2.51
C ASN B 135 0.89 -21.56 3.61
N TYR B 136 0.28 -20.55 4.24
CA TYR B 136 0.84 -19.83 5.40
C TYR B 136 2.17 -19.14 5.09
N THR B 137 2.28 -18.60 3.88
CA THR B 137 3.35 -17.71 3.46
C THR B 137 2.73 -16.37 3.07
N ILE B 138 3.55 -15.33 2.95
CA ILE B 138 3.07 -14.08 2.38
C ILE B 138 4.02 -13.70 1.24
N LYS B 139 3.48 -12.90 0.31
CA LYS B 139 4.20 -12.42 -0.86
C LYS B 139 4.59 -10.98 -0.57
N GLY B 140 5.70 -10.79 0.14
CA GLY B 140 6.14 -9.47 0.57
C GLY B 140 7.36 -8.97 -0.18
N SER B 141 7.80 -7.78 0.23
CA SER B 141 9.07 -7.22 -0.25
C SER B 141 9.88 -6.94 1.00
N PHE B 142 10.86 -7.80 1.25
CA PHE B 142 11.72 -7.72 2.43
C PHE B 142 13.14 -7.90 1.95
N LEU B 143 14.00 -6.98 2.32
CA LEU B 143 15.41 -7.08 1.97
C LEU B 143 16.21 -7.45 3.21
N CYS B 144 17.53 -7.48 3.04
CA CYS B 144 18.44 -7.82 4.13
C CYS B 144 18.18 -6.91 5.31
N GLY B 145 18.08 -7.49 6.50
CA GLY B 145 17.92 -6.69 7.70
C GLY B 145 16.51 -6.22 7.99
N SER B 146 15.51 -6.88 7.40
CA SER B 146 14.13 -6.53 7.66
C SER B 146 13.44 -7.49 8.61
N CYS B 147 14.17 -8.49 9.14
CA CYS B 147 13.59 -9.41 10.12
C CYS B 147 13.11 -8.62 11.33
N GLY B 148 11.96 -9.02 11.86
CA GLY B 148 11.31 -8.27 12.92
C GLY B 148 10.35 -7.21 12.44
N SER B 149 10.26 -6.97 11.13
CA SER B 149 9.20 -6.10 10.63
C SER B 149 7.84 -6.64 11.02
N VAL B 150 6.88 -5.75 11.15
CA VAL B 150 5.66 -6.02 11.90
C VAL B 150 4.46 -5.87 10.96
N GLY B 151 3.55 -6.85 10.99
CA GLY B 151 2.28 -6.78 10.26
C GLY B 151 1.13 -6.60 11.22
N TYR B 152 0.09 -5.87 10.79
CA TYR B 152 -0.95 -5.44 11.71
C TYR B 152 -2.22 -5.08 10.94
N THR B 153 -3.35 -5.16 11.63
CA THR B 153 -4.58 -4.53 11.22
C THR B 153 -5.03 -3.58 12.32
N LYS B 154 -6.09 -2.84 12.05
CA LYS B 154 -6.56 -1.78 12.92
C LYS B 154 -8.07 -1.77 12.86
N GLU B 155 -8.72 -1.78 14.02
CA GLU B 155 -10.17 -1.61 14.12
C GLU B 155 -10.45 -0.56 15.19
N GLY B 156 -11.16 0.49 14.81
CA GLY B 156 -11.27 1.64 15.69
C GLY B 156 -9.90 2.28 15.84
N SER B 157 -9.47 2.45 17.08
CA SER B 157 -8.12 2.89 17.37
C SER B 157 -7.24 1.76 17.89
N VAL B 158 -7.73 0.52 17.83
CA VAL B 158 -7.03 -0.64 18.36
C VAL B 158 -6.15 -1.25 17.27
N ILE B 159 -4.85 -1.31 17.51
CA ILE B 159 -3.94 -2.03 16.61
C ILE B 159 -4.00 -3.51 16.96
N ASN B 160 -4.28 -4.35 15.96
CA ASN B 160 -4.10 -5.78 16.14
C ASN B 160 -2.79 -6.19 15.47
N PHE B 161 -1.80 -6.56 16.29
CA PHE B 161 -0.52 -7.04 15.78
C PHE B 161 -0.63 -8.52 15.47
N CYS B 162 -0.40 -8.90 14.22
CA CYS B 162 -0.63 -10.29 13.82
C CYS B 162 0.59 -10.97 13.22
N TYR B 163 1.69 -10.24 12.99
CA TYR B 163 2.79 -10.83 12.24
C TYR B 163 4.10 -10.15 12.62
N MET B 164 5.16 -10.96 12.79
CA MET B 164 6.51 -10.46 12.94
C MET B 164 7.40 -11.27 12.02
N HIS B 165 8.08 -10.58 11.10
CA HIS B 165 8.71 -11.23 9.97
C HIS B 165 9.95 -11.99 10.41
N GLN B 166 10.09 -13.22 9.90
CA GLN B 166 11.15 -14.12 10.35
C GLN B 166 12.12 -14.51 9.25
N MET B 167 11.65 -14.86 8.06
CA MET B 167 12.58 -15.43 7.08
C MET B 167 11.98 -15.42 5.68
N GLU B 168 12.87 -15.57 4.70
CA GLU B 168 12.49 -15.77 3.31
C GLU B 168 12.63 -17.25 2.96
N LEU B 169 11.61 -17.80 2.29
CA LEU B 169 11.62 -19.21 1.85
C LEU B 169 12.12 -19.41 0.43
N ALA B 170 11.20 -19.69 -0.51
CA ALA B 170 11.48 -19.73 -1.94
C ALA B 170 11.89 -18.34 -2.43
N ASN B 171 11.73 -18.06 -3.72
CA ASN B 171 12.32 -16.84 -4.29
C ASN B 171 11.86 -15.58 -3.58
N GLY B 172 10.67 -15.61 -2.97
CA GLY B 172 10.15 -14.41 -2.37
C GLY B 172 9.00 -14.69 -1.46
N THR B 173 8.73 -15.99 -1.21
CA THR B 173 7.79 -16.31 -0.15
C THR B 173 8.42 -16.02 1.19
N HIS B 174 7.64 -15.42 2.08
CA HIS B 174 8.12 -15.05 3.39
C HIS B 174 7.19 -15.66 4.42
N THR B 175 7.70 -15.85 5.63
CA THR B 175 6.84 -16.18 6.74
C THR B 175 7.38 -15.54 8.02
N GLY B 176 6.54 -15.57 9.04
CA GLY B 176 6.88 -15.00 10.30
C GLY B 176 6.01 -15.61 11.34
N SER B 177 5.95 -14.97 12.49
CA SER B 177 5.29 -15.55 13.62
C SER B 177 4.17 -14.64 14.09
N ALA B 178 3.14 -15.25 14.67
CA ALA B 178 2.19 -14.49 15.45
C ALA B 178 2.81 -14.15 16.80
N PHE B 179 2.22 -13.18 17.49
CA PHE B 179 2.83 -12.68 18.70
C PHE B 179 2.61 -13.60 19.90
N ASP B 180 1.87 -14.70 19.73
CA ASP B 180 1.92 -15.77 20.72
C ASP B 180 3.15 -16.63 20.54
N GLY B 181 3.96 -16.37 19.52
CA GLY B 181 5.19 -17.10 19.33
C GLY B 181 5.15 -18.18 18.27
N THR B 182 3.96 -18.54 17.77
CA THR B 182 3.88 -19.65 16.81
C THR B 182 4.15 -19.14 15.39
N MET B 183 5.08 -19.81 14.71
CA MET B 183 5.35 -19.52 13.31
C MET B 183 4.18 -19.94 12.45
N TYR B 184 3.74 -19.04 11.57
CA TYR B 184 2.69 -19.40 10.61
C TYR B 184 3.17 -20.56 9.75
N GLY B 185 2.32 -21.57 9.61
CA GLY B 185 2.65 -22.75 8.82
C GLY B 185 3.70 -23.66 9.42
N ALA B 186 3.95 -23.55 10.73
CA ALA B 186 4.88 -24.42 11.46
C ALA B 186 6.26 -24.48 10.81
N PHE B 187 6.64 -23.44 10.05
CA PHE B 187 8.00 -23.41 9.56
C PHE B 187 8.96 -23.22 10.74
N MET B 188 10.22 -23.63 10.55
CA MET B 188 11.20 -23.62 11.62
C MET B 188 12.24 -22.54 11.37
N ASP B 189 12.58 -21.79 12.42
CA ASP B 189 13.56 -20.72 12.31
C ASP B 189 14.97 -21.31 12.37
N LYS B 190 15.29 -22.08 11.32
CA LYS B 190 16.62 -22.59 11.05
C LYS B 190 16.93 -22.44 9.57
N GLN B 191 18.20 -22.12 9.26
CA GLN B 191 18.69 -22.17 7.88
C GLN B 191 18.76 -23.62 7.42
N VAL B 192 17.60 -24.27 7.35
CA VAL B 192 17.44 -25.57 6.72
C VAL B 192 16.42 -25.41 5.61
N HIS B 193 16.61 -26.15 4.52
CA HIS B 193 15.64 -26.13 3.44
C HIS B 193 14.33 -26.74 3.90
N GLN B 194 13.25 -26.00 3.71
CA GLN B 194 11.91 -26.45 4.07
C GLN B 194 11.00 -26.28 2.86
N VAL B 195 10.11 -27.24 2.65
CA VAL B 195 9.18 -27.19 1.53
C VAL B 195 7.88 -26.56 1.99
N GLN B 196 7.40 -25.59 1.20
CA GLN B 196 6.07 -25.01 1.38
C GLN B 196 5.02 -25.91 0.72
N LEU B 197 3.85 -25.96 1.33
CA LEU B 197 2.73 -26.61 0.67
C LEU B 197 2.32 -25.81 -0.57
N THR B 198 1.56 -26.48 -1.44
CA THR B 198 0.99 -25.82 -2.61
C THR B 198 0.04 -24.70 -2.19
N ASP B 199 0.15 -23.56 -2.86
CA ASP B 199 -0.80 -22.48 -2.70
C ASP B 199 -2.16 -22.87 -3.29
N LYS B 200 -3.20 -22.18 -2.83
CA LYS B 200 -4.55 -22.36 -3.34
C LYS B 200 -5.16 -20.99 -3.51
N TYR B 201 -6.25 -20.94 -4.29
CA TYR B 201 -7.06 -19.73 -4.36
C TYR B 201 -7.84 -19.55 -3.07
N CYS B 202 -7.94 -18.30 -2.62
CA CYS B 202 -8.77 -17.97 -1.46
C CYS B 202 -10.19 -17.76 -1.95
N SER B 203 -11.05 -18.76 -1.70
CA SER B 203 -12.39 -18.80 -2.27
C SER B 203 -13.24 -17.60 -1.85
N VAL B 204 -13.21 -17.25 -0.56
CA VAL B 204 -14.02 -16.11 -0.12
C VAL B 204 -13.54 -14.84 -0.81
N ASN B 205 -12.25 -14.73 -1.10
CA ASN B 205 -11.77 -13.52 -1.75
C ASN B 205 -12.15 -13.51 -3.24
N VAL B 206 -12.06 -14.67 -3.90
CA VAL B 206 -12.56 -14.77 -5.27
C VAL B 206 -14.03 -14.38 -5.32
N VAL B 207 -14.81 -14.84 -4.33
CA VAL B 207 -16.23 -14.49 -4.28
C VAL B 207 -16.39 -12.98 -4.16
N ALA B 208 -15.59 -12.36 -3.28
CA ALA B 208 -15.66 -10.90 -3.14
C ALA B 208 -15.35 -10.22 -4.46
N TRP B 209 -14.35 -10.72 -5.18
CA TRP B 209 -13.96 -10.11 -6.45
C TRP B 209 -15.08 -10.23 -7.49
N LEU B 210 -15.75 -11.39 -7.55
CA LEU B 210 -16.91 -11.54 -8.43
C LEU B 210 -18.05 -10.61 -8.03
N TYR B 211 -18.20 -10.30 -6.74
CA TYR B 211 -19.19 -9.31 -6.34
C TYR B 211 -18.77 -7.93 -6.78
N ALA B 212 -17.47 -7.64 -6.74
CA ALA B 212 -17.01 -6.36 -7.24
C ALA B 212 -17.24 -6.25 -8.74
N ALA B 213 -17.08 -7.36 -9.47
CA ALA B 213 -17.38 -7.35 -10.89
C ALA B 213 -18.84 -7.03 -11.13
N ILE B 214 -19.74 -7.72 -10.43
CA ILE B 214 -21.17 -7.47 -10.59
C ILE B 214 -21.50 -6.02 -10.29
N LEU B 215 -20.80 -5.44 -9.31
CA LEU B 215 -21.09 -4.06 -8.96
C LEU B 215 -20.65 -3.09 -10.04
N ASN B 216 -19.67 -3.47 -10.86
CA ASN B 216 -19.17 -2.60 -11.93
C ASN B 216 -19.73 -3.00 -13.28
N GLY B 217 -20.96 -3.55 -13.30
CA GLY B 217 -21.61 -3.91 -14.54
C GLY B 217 -21.18 -5.22 -15.16
N CYS B 218 -20.15 -5.87 -14.63
CA CYS B 218 -19.60 -7.08 -15.26
C CYS B 218 -20.24 -8.30 -14.59
N ALA B 219 -21.24 -8.91 -15.25
CA ALA B 219 -22.00 -9.97 -14.60
C ALA B 219 -22.40 -11.12 -15.53
N TRP B 220 -21.76 -11.26 -16.70
CA TRP B 220 -22.12 -12.33 -17.64
C TRP B 220 -22.01 -13.71 -17.01
N PHE B 221 -21.16 -13.85 -15.99
CA PHE B 221 -20.91 -15.16 -15.40
C PHE B 221 -22.01 -15.60 -14.45
N VAL B 222 -22.95 -14.72 -14.12
CA VAL B 222 -24.01 -15.09 -13.18
C VAL B 222 -25.10 -15.85 -13.91
N LYS B 223 -25.41 -17.04 -13.43
CA LYS B 223 -26.55 -17.83 -13.92
C LYS B 223 -27.31 -18.39 -12.71
N PRO B 224 -28.53 -18.88 -12.96
CA PRO B 224 -29.35 -19.33 -11.81
C PRO B 224 -28.79 -20.53 -11.07
N ASN B 225 -27.95 -21.35 -11.72
CA ASN B 225 -27.41 -22.55 -11.09
C ASN B 225 -26.68 -22.21 -9.78
N ARG B 226 -26.87 -23.06 -8.78
CA ARG B 226 -26.26 -22.83 -7.48
C ARG B 226 -25.47 -24.05 -7.04
N THR B 227 -24.33 -23.80 -6.40
CA THR B 227 -23.59 -24.83 -5.68
C THR B 227 -23.62 -24.47 -4.20
N SER B 228 -23.98 -25.44 -3.38
CA SER B 228 -24.07 -25.21 -1.94
C SER B 228 -22.68 -25.10 -1.35
N VAL B 229 -22.58 -24.40 -0.22
CA VAL B 229 -21.29 -24.23 0.44
C VAL B 229 -20.65 -25.59 0.69
N VAL B 230 -21.41 -26.51 1.28
CA VAL B 230 -20.87 -27.83 1.65
C VAL B 230 -20.44 -28.59 0.41
N SER B 231 -21.21 -28.47 -0.66
CA SER B 231 -20.80 -29.11 -1.91
C SER B 231 -19.57 -28.43 -2.49
N PHE B 232 -19.56 -27.09 -2.51
CA PHE B 232 -18.40 -26.36 -3.01
C PHE B 232 -17.13 -26.78 -2.29
N ASN B 233 -17.22 -26.91 -0.97
CA ASN B 233 -16.00 -27.16 -0.20
C ASN B 233 -15.46 -28.55 -0.45
N GLU B 234 -16.32 -29.53 -0.74
CA GLU B 234 -15.79 -30.83 -1.13
C GLU B 234 -15.13 -30.77 -2.51
N TRP B 235 -15.74 -30.05 -3.45
CA TRP B 235 -15.07 -29.78 -4.72
C TRP B 235 -13.71 -29.10 -4.52
N ALA B 236 -13.63 -28.16 -3.56
CA ALA B 236 -12.45 -27.33 -3.38
C ALA B 236 -11.23 -28.16 -2.99
N LEU B 237 -11.41 -29.17 -2.12
CA LEU B 237 -10.30 -29.99 -1.65
C LEU B 237 -9.58 -30.69 -2.78
N ALA B 238 -10.23 -30.84 -3.93
CA ALA B 238 -9.66 -31.52 -5.08
C ALA B 238 -9.20 -30.55 -6.15
N ASN B 239 -9.49 -29.26 -6.02
CA ASN B 239 -9.23 -28.34 -7.11
C ASN B 239 -8.49 -27.07 -6.68
N GLN B 240 -7.65 -27.18 -5.65
CA GLN B 240 -6.75 -26.09 -5.28
C GLN B 240 -7.51 -24.80 -4.96
N PHE B 241 -8.64 -24.94 -4.27
CA PHE B 241 -9.34 -23.83 -3.65
C PHE B 241 -9.44 -24.08 -2.16
N THR B 242 -9.50 -23.00 -1.38
CA THR B 242 -9.76 -23.13 0.04
C THR B 242 -11.23 -23.42 0.28
N GLU B 243 -11.51 -24.00 1.43
CA GLU B 243 -12.88 -24.02 1.94
C GLU B 243 -13.44 -22.60 1.95
N PHE B 244 -14.72 -22.48 1.61
CA PHE B 244 -15.42 -21.20 1.72
C PHE B 244 -16.09 -21.10 3.11
N VAL B 245 -15.95 -19.94 3.75
CA VAL B 245 -16.64 -19.61 5.00
C VAL B 245 -17.28 -18.23 4.83
N GLY B 246 -18.58 -18.16 5.04
CA GLY B 246 -19.27 -16.89 4.90
C GLY B 246 -18.98 -15.94 6.05
N THR B 247 -19.15 -14.65 5.76
CA THR B 247 -19.02 -13.61 6.77
C THR B 247 -20.11 -12.59 6.53
N GLN B 248 -20.40 -11.78 7.57
CA GLN B 248 -21.35 -10.69 7.41
C GLN B 248 -20.92 -9.73 6.30
N SER B 249 -19.61 -9.59 6.10
CA SER B 249 -19.13 -8.73 5.03
C SER B 249 -19.56 -9.26 3.66
N VAL B 250 -19.41 -10.57 3.45
CA VAL B 250 -19.91 -11.16 2.20
C VAL B 250 -21.40 -10.93 2.06
N ASP B 251 -22.16 -11.15 3.14
CA ASP B 251 -23.61 -11.01 3.08
C ASP B 251 -24.02 -9.63 2.59
N MET B 252 -23.27 -8.60 2.98
CA MET B 252 -23.63 -7.24 2.56
C MET B 252 -23.46 -7.07 1.06
N LEU B 253 -22.44 -7.70 0.48
CA LEU B 253 -22.33 -7.75 -0.97
C LEU B 253 -23.52 -8.46 -1.59
N ALA B 254 -23.87 -9.65 -1.08
CA ALA B 254 -24.99 -10.41 -1.63
C ALA B 254 -26.29 -9.62 -1.53
N VAL B 255 -26.47 -8.83 -0.47
CA VAL B 255 -27.69 -8.05 -0.32
C VAL B 255 -27.73 -6.92 -1.35
N LYS B 256 -26.59 -6.26 -1.59
CA LYS B 256 -26.58 -5.12 -2.51
C LYS B 256 -26.64 -5.54 -3.97
N THR B 257 -26.16 -6.73 -4.33
CA THR B 257 -26.23 -7.17 -5.72
C THR B 257 -27.44 -8.04 -6.02
N GLY B 258 -28.11 -8.57 -5.00
CA GLY B 258 -29.17 -9.54 -5.21
C GLY B 258 -28.71 -10.90 -5.71
N VAL B 259 -27.41 -11.14 -5.79
CA VAL B 259 -26.87 -12.41 -6.24
C VAL B 259 -26.44 -13.19 -5.01
N ALA B 260 -26.79 -14.46 -4.96
CA ALA B 260 -26.53 -15.28 -3.80
C ALA B 260 -25.12 -15.88 -3.86
N ILE B 261 -24.55 -16.09 -2.68
CA ILE B 261 -23.24 -16.73 -2.59
C ILE B 261 -23.21 -18.01 -3.40
N GLU B 262 -24.29 -18.79 -3.36
CA GLU B 262 -24.27 -20.10 -4.00
C GLU B 262 -24.17 -19.97 -5.53
N GLN B 263 -24.65 -18.87 -6.11
CA GLN B 263 -24.49 -18.68 -7.55
C GLN B 263 -23.03 -18.43 -7.91
N LEU B 264 -22.31 -17.67 -7.09
CA LEU B 264 -20.93 -17.38 -7.42
C LEU B 264 -20.04 -18.59 -7.17
N LEU B 265 -20.42 -19.44 -6.22
CA LEU B 265 -19.69 -20.69 -6.02
C LEU B 265 -19.85 -21.61 -7.23
N TYR B 266 -21.04 -21.63 -7.84
CA TYR B 266 -21.21 -22.33 -9.11
C TYR B 266 -20.33 -21.71 -10.19
N ALA B 267 -20.41 -20.39 -10.34
CA ALA B 267 -19.64 -19.70 -11.37
C ALA B 267 -18.15 -20.01 -11.25
N ILE B 268 -17.62 -19.95 -10.02
CA ILE B 268 -16.20 -20.24 -9.82
C ILE B 268 -15.83 -21.62 -10.37
N GLN B 269 -16.70 -22.61 -10.12
CA GLN B 269 -16.45 -23.94 -10.66
C GLN B 269 -16.36 -23.93 -12.18
N GLN B 270 -17.20 -23.11 -12.83
CA GLN B 270 -17.10 -22.98 -14.28
C GLN B 270 -15.87 -22.16 -14.69
N LEU B 271 -15.62 -21.03 -14.03
CA LEU B 271 -14.55 -20.15 -14.50
C LEU B 271 -13.17 -20.76 -14.30
N TYR B 272 -13.03 -21.67 -13.32
CA TYR B 272 -11.74 -22.31 -13.08
C TYR B 272 -11.21 -22.98 -14.35
N THR B 273 -12.09 -23.71 -15.06
CA THR B 273 -11.72 -24.40 -16.29
C THR B 273 -11.19 -23.43 -17.34
N GLY B 274 -11.71 -22.20 -17.34
CA GLY B 274 -11.27 -21.16 -18.24
C GLY B 274 -12.35 -20.11 -18.43
N PHE B 275 -11.94 -18.87 -18.73
CA PHE B 275 -12.90 -17.80 -18.93
C PHE B 275 -13.58 -17.88 -20.29
N GLN B 276 -13.24 -18.91 -21.08
CA GLN B 276 -13.71 -19.09 -22.45
C GLN B 276 -13.23 -17.88 -23.25
N GLY B 277 -14.11 -17.05 -23.78
CA GLY B 277 -13.57 -15.96 -24.56
C GLY B 277 -13.57 -14.62 -23.89
N LYS B 278 -14.04 -14.54 -22.66
CA LYS B 278 -14.38 -13.26 -22.05
C LYS B 278 -13.38 -12.90 -20.97
N GLN B 279 -13.60 -11.71 -20.40
CA GLN B 279 -12.80 -11.16 -19.33
C GLN B 279 -13.73 -10.75 -18.19
N ILE B 280 -13.17 -10.66 -16.99
CA ILE B 280 -13.89 -10.12 -15.84
C ILE B 280 -13.03 -9.03 -15.24
N LEU B 281 -13.56 -7.80 -15.19
CA LEU B 281 -12.81 -6.65 -14.71
C LEU B 281 -11.43 -6.57 -15.36
N GLY B 282 -11.39 -6.79 -16.67
CA GLY B 282 -10.16 -6.72 -17.42
C GLY B 282 -9.23 -7.91 -17.30
N SER B 283 -9.54 -8.88 -16.45
CA SER B 283 -8.65 -10.01 -16.22
C SER B 283 -9.19 -11.29 -16.86
N THR B 284 -8.26 -12.18 -17.23
CA THR B 284 -8.60 -13.53 -17.63
C THR B 284 -8.22 -14.57 -16.59
N MET B 285 -7.67 -14.14 -15.45
CA MET B 285 -7.37 -14.98 -14.30
C MET B 285 -8.29 -14.60 -13.14
N LEU B 286 -8.64 -15.58 -12.30
CA LEU B 286 -9.34 -15.25 -11.07
C LEU B 286 -8.44 -14.49 -10.11
N GLU B 287 -9.02 -13.53 -9.40
CA GLU B 287 -8.28 -12.66 -8.50
C GLU B 287 -8.70 -12.95 -7.07
N ASP B 288 -7.73 -13.26 -6.19
CA ASP B 288 -8.08 -13.63 -4.82
C ASP B 288 -7.39 -12.79 -3.75
N GLU B 289 -6.90 -11.60 -4.09
CA GLU B 289 -6.18 -10.79 -3.11
C GLU B 289 -6.98 -9.59 -2.59
N PHE B 290 -8.25 -9.45 -2.98
CA PHE B 290 -9.15 -8.48 -2.38
C PHE B 290 -10.21 -9.21 -1.58
N THR B 291 -10.49 -8.70 -0.40
CA THR B 291 -11.37 -9.26 0.59
C THR B 291 -12.77 -8.67 0.46
N PRO B 292 -13.79 -9.34 1.01
CA PRO B 292 -15.09 -8.69 1.11
C PRO B 292 -15.01 -7.31 1.74
N GLU B 293 -14.21 -7.16 2.80
CA GLU B 293 -14.12 -5.87 3.47
C GLU B 293 -13.54 -4.80 2.54
N ASP B 294 -12.55 -5.19 1.72
CA ASP B 294 -12.03 -4.30 0.67
C ASP B 294 -13.14 -3.84 -0.26
N VAL B 295 -13.86 -4.80 -0.85
CA VAL B 295 -14.93 -4.47 -1.79
C VAL B 295 -15.98 -3.61 -1.10
N ASN B 296 -16.29 -3.92 0.16
CA ASN B 296 -17.29 -3.14 0.89
C ASN B 296 -16.84 -1.71 1.10
N MET B 297 -15.59 -1.48 1.47
CA MET B 297 -15.23 -0.09 1.74
C MET B 297 -14.94 0.69 0.45
N GLN B 298 -14.41 0.02 -0.58
CA GLN B 298 -13.95 0.75 -1.76
C GLN B 298 -15.04 0.96 -2.81
N ILE B 299 -15.98 0.02 -2.95
CA ILE B 299 -17.08 0.17 -3.90
C ILE B 299 -18.39 0.36 -3.14
N MET B 300 -18.34 1.07 -2.01
CA MET B 300 -19.56 1.46 -1.29
C MET B 300 -20.63 2.02 -2.24
C07 JRY C . -16.19 16.57 -2.54
C09 JRY C . -16.24 18.43 -4.21
C10 JRY C . -15.29 19.23 -5.10
C11 JRY C . -16.00 20.34 -5.85
C12 JRY C . -15.01 21.07 -6.76
C13 JRY C . -15.66 22.23 -7.52
C14 JRY C . -15.03 22.50 -8.90
N08 JRY C . -15.48 17.57 -3.31
O15 JRY C . -15.63 15.85 -1.79
C07 JRY D . 16.86 -11.83 9.29
C09 JRY D . 16.97 -14.12 8.18
C10 JRY D . 17.76 -15.41 8.38
C11 JRY D . 17.21 -16.28 9.50
C12 JRY D . 17.23 -17.75 9.09
C13 JRY D . 16.75 -18.70 10.18
C14 JRY D . 15.52 -18.12 10.87
N08 JRY D . 17.59 -13.04 8.95
O15 JRY D . 17.43 -10.99 9.93
#